data_6UGX
#
_entry.id   6UGX
#
_cell.length_a   49.400
_cell.length_b   74.610
_cell.length_c   149.090
_cell.angle_alpha   90.000
_cell.angle_beta   90.000
_cell.angle_gamma   90.000
#
_symmetry.space_group_name_H-M   'P 21 21 21'
#
loop_
_entity.id
_entity.type
_entity.pdbx_description
1 polymer 'PF-06438179/GP1111 Fc'
2 branched 2-acetamido-2-deoxy-beta-D-glucopyranose-(1-2)-alpha-D-mannopyranose-(1-3)-[2-acetamido-2-deoxy-beta-D-glucopyranose-(1-2)-alpha-D-mannopyranose-(1-6)]beta-D-mannopyranose-(1-4)-2-acetamido-2-deoxy-beta-D-glucopyranose-(1-4)-[alpha-L-fucopyranose-(1-6)]2-acetamido-2-deoxy-beta-D-glucopyranose
3 branched 2-acetamido-2-deoxy-beta-D-glucopyranose-(1-2)-alpha-D-mannopyranose-(1-6)-[alpha-D-mannopyranose-(1-3)]beta-D-mannopyranose-(1-4)-2-acetamido-2-deoxy-beta-D-glucopyranose-(1-4)-[alpha-L-fucopyranose-(1-6)]2-acetamido-2-deoxy-beta-D-glucopyranose
4 non-polymer 'POTASSIUM ION'
5 non-polymer 'CHLORIDE ION'
6 water water
#
_entity_poly.entity_id   1
_entity_poly.type   'polypeptide(L)'
_entity_poly.pdbx_seq_one_letter_code
;MKKTAIAIAVALAGFATVAQADVESKSCDKTHTCPPCPAPELLGGPSVFLFPPKPKDTLMISRTPEVTCVVVDVSHEDPE
VKFNWYVDGVEVHNAKTKPREEQYNSTYRVVSVLTVLHQDWLNGKEYKCKVSNKALPAPIEKTISKAKGQPREPQVYTLP
PSRDELTKNQVSLTCLVKGFYPSDIAVEWESNGQPENNYKTTPPVLDSDGSFFLYSKLTVDKSRWQQGNVFSCSVMHEAL
HNHYTQKSLSLSPGK
;
_entity_poly.pdbx_strand_id   A,B
#
loop_
_chem_comp.id
_chem_comp.type
_chem_comp.name
_chem_comp.formula
BMA D-saccharide, beta linking beta-D-mannopyranose 'C6 H12 O6'
CL non-polymer 'CHLORIDE ION' 'Cl -1'
FUC L-saccharide, alpha linking alpha-L-fucopyranose 'C6 H12 O5'
K non-polymer 'POTASSIUM ION' 'K 1'
MAN D-saccharide, alpha linking alpha-D-mannopyranose 'C6 H12 O6'
NAG D-saccharide, beta linking 2-acetamido-2-deoxy-beta-D-glucopyranose 'C8 H15 N O6'
#
# COMPACT_ATOMS: atom_id res chain seq x y z
N GLY A 45 30.15 8.24 12.57
CA GLY A 45 30.08 7.04 13.38
C GLY A 45 29.29 5.90 12.75
N PRO A 46 29.55 4.66 13.18
CA PRO A 46 28.83 3.52 12.60
C PRO A 46 27.36 3.58 12.93
N SER A 47 26.56 2.97 12.06
CA SER A 47 25.14 2.82 12.27
C SER A 47 24.73 1.38 12.04
N VAL A 48 23.64 0.98 12.69
CA VAL A 48 23.25 -0.42 12.79
C VAL A 48 21.82 -0.56 12.27
N PHE A 49 21.60 -1.63 11.50
CA PHE A 49 20.28 -1.95 10.97
C PHE A 49 19.99 -3.42 11.19
N LEU A 50 18.78 -3.70 11.66
CA LEU A 50 18.39 -5.01 12.14
C LEU A 50 17.14 -5.45 11.39
N PHE A 51 17.26 -6.52 10.63
CA PHE A 51 16.23 -6.99 9.73
C PHE A 51 15.61 -8.28 10.24
N PRO A 52 14.31 -8.45 10.04
CA PRO A 52 13.61 -9.61 10.57
C PRO A 52 13.64 -10.75 9.57
N PRO A 53 13.23 -11.95 9.99
CA PRO A 53 13.00 -13.02 9.02
C PRO A 53 11.83 -12.65 8.12
N LYS A 54 11.78 -13.31 6.96
CA LYS A 54 10.61 -13.19 6.11
C LYS A 54 9.46 -13.98 6.72
N PRO A 55 8.22 -13.50 6.61
CA PRO A 55 7.09 -14.24 7.22
C PRO A 55 7.05 -15.71 6.82
N LYS A 56 7.25 -15.99 5.53
CA LYS A 56 7.19 -17.37 5.04
C LYS A 56 8.26 -18.24 5.71
N ASP A 57 9.45 -17.67 5.96
CA ASP A 57 10.50 -18.43 6.64
C ASP A 57 10.07 -18.85 8.05
N THR A 58 9.31 -18.01 8.75
CA THR A 58 8.90 -18.36 10.11
C THR A 58 7.76 -19.37 10.13
N LEU A 59 7.04 -19.53 9.01
CA LEU A 59 5.80 -20.31 8.97
C LEU A 59 5.98 -21.72 8.45
N MET A 60 6.98 -21.95 7.59
CA MET A 60 7.27 -23.26 7.01
C MET A 60 8.54 -23.82 7.65
N ILE A 61 8.41 -25.00 8.27
CA ILE A 61 9.50 -25.61 9.02
C ILE A 61 10.66 -26.00 8.12
N SER A 62 10.40 -26.20 6.83
CA SER A 62 11.47 -26.47 5.87
C SER A 62 12.44 -25.31 5.75
N ARG A 63 11.99 -24.10 6.05
CA ARG A 63 12.80 -22.91 5.83
C ARG A 63 13.57 -22.57 7.09
N THR A 64 14.49 -21.61 6.96
CA THR A 64 15.42 -21.24 8.01
C THR A 64 15.32 -19.74 8.24
N PRO A 65 14.50 -19.31 9.20
CA PRO A 65 14.34 -17.89 9.48
C PRO A 65 15.57 -17.32 10.18
N GLU A 66 15.90 -16.08 9.84
CA GLU A 66 17.11 -15.44 10.34
C GLU A 66 16.81 -13.98 10.63
N VAL A 67 17.46 -13.47 11.67
CA VAL A 67 17.50 -12.05 11.98
C VAL A 67 18.89 -11.57 11.62
N THR A 68 18.98 -10.49 10.83
CA THR A 68 20.25 -10.01 10.30
C THR A 68 20.61 -8.63 10.83
N CYS A 69 21.81 -8.50 11.43
CA CYS A 69 22.29 -7.25 12.03
C CYS A 69 23.41 -6.71 11.17
N VAL A 70 23.16 -5.58 10.51
CA VAL A 70 24.09 -4.99 9.56
C VAL A 70 24.66 -3.72 10.17
N VAL A 71 25.99 -3.61 10.17
CA VAL A 71 26.73 -2.44 10.63
C VAL A 71 27.43 -1.81 9.44
N VAL A 72 27.19 -0.52 9.23
CA VAL A 72 27.79 0.24 8.14
C VAL A 72 28.49 1.45 8.73
N ASP A 73 29.28 2.11 7.87
CA ASP A 73 30.08 3.28 8.23
C ASP A 73 31.11 2.93 9.32
N VAL A 74 31.63 1.70 9.25
CA VAL A 74 32.74 1.30 10.08
C VAL A 74 34.02 1.85 9.47
N SER A 75 34.85 2.51 10.28
CA SER A 75 36.02 3.24 9.82
C SER A 75 37.23 2.32 9.68
N HIS A 76 38.22 2.82 8.93
CA HIS A 76 39.54 2.19 8.88
C HIS A 76 40.28 2.33 10.20
N GLU A 77 40.10 3.46 10.88
CA GLU A 77 40.85 3.76 12.09
C GLU A 77 40.33 2.99 13.30
N ASP A 78 39.04 2.64 13.31
CA ASP A 78 38.46 1.78 14.34
C ASP A 78 37.62 0.70 13.66
N PRO A 79 38.26 -0.34 13.14
CA PRO A 79 37.55 -1.33 12.31
C PRO A 79 37.02 -2.54 13.06
N GLU A 80 37.40 -2.76 14.31
CA GLU A 80 36.91 -3.92 15.04
C GLU A 80 35.46 -3.69 15.42
N VAL A 81 34.63 -4.71 15.17
CA VAL A 81 33.23 -4.70 15.53
C VAL A 81 32.93 -5.97 16.29
N LYS A 82 32.25 -5.84 17.43
CA LYS A 82 31.81 -6.98 18.23
C LYS A 82 30.28 -6.98 18.29
N PHE A 83 29.71 -8.16 18.04
CA PHE A 83 28.29 -8.41 18.20
C PHE A 83 28.04 -9.18 19.48
N ASN A 84 26.96 -8.83 20.17
CA ASN A 84 26.36 -9.64 21.22
C ASN A 84 24.88 -9.74 20.92
N TRP A 85 24.34 -10.95 20.94
CA TRP A 85 22.94 -11.20 20.69
C TRP A 85 22.26 -11.67 21.95
N TYR A 86 20.97 -11.32 22.08
CA TYR A 86 20.16 -11.72 23.21
C TYR A 86 18.75 -12.03 22.74
N VAL A 87 18.18 -13.12 23.27
CA VAL A 87 16.78 -13.44 23.04
C VAL A 87 16.08 -13.25 24.38
N ASP A 88 15.07 -12.37 24.39
CA ASP A 88 14.41 -11.95 25.63
C ASP A 88 15.43 -11.56 26.71
N GLY A 89 16.46 -10.83 26.30
CA GLY A 89 17.45 -10.35 27.25
C GLY A 89 18.47 -11.37 27.70
N VAL A 90 18.43 -12.58 27.16
CA VAL A 90 19.33 -13.67 27.52
C VAL A 90 20.33 -13.87 26.38
N GLU A 91 21.62 -13.77 26.70
CA GLU A 91 22.63 -13.81 25.65
C GLU A 91 22.68 -15.17 24.97
N VAL A 92 22.80 -15.13 23.65
CA VAL A 92 22.94 -16.31 22.81
CA VAL A 92 22.96 -16.34 22.84
C VAL A 92 24.22 -16.19 21.99
N HIS A 93 24.83 -17.34 21.68
CA HIS A 93 26.18 -17.37 21.11
C HIS A 93 26.28 -18.07 19.75
N ASN A 94 25.16 -18.45 19.14
CA ASN A 94 25.21 -19.23 17.92
C ASN A 94 25.03 -18.39 16.65
N ALA A 95 25.15 -17.06 16.74
CA ALA A 95 25.15 -16.24 15.53
C ALA A 95 26.36 -16.56 14.67
N LYS A 96 26.22 -16.31 13.37
CA LYS A 96 27.30 -16.45 12.40
C LYS A 96 27.62 -15.07 11.85
N THR A 97 28.81 -14.56 12.19
CA THR A 97 29.22 -13.22 11.82
C THR A 97 30.21 -13.29 10.68
N LYS A 98 29.98 -12.54 9.66
CA LYS A 98 30.88 -12.58 8.52
C LYS A 98 32.01 -11.56 8.69
N PRO A 99 33.17 -11.79 8.09
CA PRO A 99 34.23 -10.79 8.15
C PRO A 99 33.85 -9.54 7.37
N ARG A 100 34.42 -8.42 7.79
CA ARG A 100 34.11 -7.12 7.22
C ARG A 100 34.41 -7.08 5.72
N GLU A 101 33.63 -6.26 5.01
CA GLU A 101 33.75 -6.08 3.57
C GLU A 101 33.79 -4.57 3.28
N GLU A 102 34.94 -4.10 2.77
CA GLU A 102 35.06 -2.68 2.46
C GLU A 102 34.14 -2.33 1.29
N GLN A 103 33.49 -1.19 1.41
CA GLN A 103 32.60 -0.65 0.40
C GLN A 103 33.33 0.40 -0.43
N TYR A 104 32.71 0.77 -1.55
CA TYR A 104 33.31 1.73 -2.47
C TYR A 104 33.47 3.11 -1.86
N ASN A 105 32.87 3.37 -0.70
CA ASN A 105 33.04 4.65 -0.01
C ASN A 105 34.11 4.60 1.07
N SER A 106 34.90 3.52 1.10
CA SER A 106 36.08 3.39 1.97
C SER A 106 35.69 3.23 3.44
N THR A 107 34.49 2.70 3.68
CA THR A 107 34.04 2.27 4.99
C THR A 107 33.73 0.78 4.92
N TYR A 108 33.75 0.14 6.08
CA TYR A 108 33.47 -1.28 6.16
C TYR A 108 32.00 -1.54 6.48
N ARG A 109 31.52 -2.66 5.96
CA ARG A 109 30.18 -3.17 6.24
C ARG A 109 30.34 -4.55 6.86
N VAL A 110 29.71 -4.76 8.02
CA VAL A 110 29.86 -5.99 8.78
C VAL A 110 28.47 -6.53 9.11
N VAL A 111 28.29 -7.84 8.92
CA VAL A 111 26.99 -8.49 8.99
C VAL A 111 27.06 -9.68 9.96
N SER A 112 26.06 -9.79 10.85
CA SER A 112 25.93 -10.92 11.76
C SER A 112 24.52 -11.47 11.63
N VAL A 113 24.41 -12.79 11.50
CA VAL A 113 23.15 -13.47 11.20
C VAL A 113 22.85 -14.43 12.34
N LEU A 114 21.68 -14.26 12.95
CA LEU A 114 21.19 -15.14 14.00
C LEU A 114 20.06 -15.98 13.43
N THR A 115 20.27 -17.29 13.36
CA THR A 115 19.18 -18.19 13.05
C THR A 115 18.21 -18.22 14.22
N VAL A 116 16.91 -18.10 13.93
CA VAL A 116 15.91 -18.11 14.98
C VAL A 116 15.09 -19.39 14.88
N LEU A 117 14.51 -19.80 16.00
CA LEU A 117 13.55 -20.89 15.98
C LEU A 117 12.19 -20.34 15.59
N HIS A 118 11.51 -21.04 14.68
CA HIS A 118 10.19 -20.62 14.22
C HIS A 118 9.26 -20.28 15.38
N GLN A 119 9.19 -21.18 16.37
CA GLN A 119 8.24 -21.01 17.47
C GLN A 119 8.63 -19.84 18.37
N ASP A 120 9.93 -19.63 18.58
CA ASP A 120 10.41 -18.45 19.31
C ASP A 120 9.89 -17.15 18.69
N TRP A 121 10.01 -17.04 17.37
CA TRP A 121 9.54 -15.83 16.71
C TRP A 121 8.03 -15.70 16.80
N LEU A 122 7.31 -16.79 16.50
CA LEU A 122 5.87 -16.77 16.55
C LEU A 122 5.35 -16.60 17.97
N ASN A 123 6.14 -16.99 18.97
CA ASN A 123 5.77 -16.73 20.36
C ASN A 123 6.20 -15.34 20.83
N GLY A 124 6.70 -14.50 19.92
CA GLY A 124 6.91 -13.10 20.22
C GLY A 124 8.17 -12.78 20.99
N LYS A 125 9.17 -13.65 20.92
CA LYS A 125 10.42 -13.35 21.61
C LYS A 125 11.12 -12.17 20.93
N GLU A 126 11.88 -11.44 21.74
CA GLU A 126 12.58 -10.23 21.35
C GLU A 126 14.05 -10.53 21.07
N TYR A 127 14.53 -10.09 19.91
CA TYR A 127 15.87 -10.33 19.41
C TYR A 127 16.64 -9.03 19.44
N LYS A 128 17.66 -8.96 20.29
CA LYS A 128 18.48 -7.77 20.45
C LYS A 128 19.86 -8.02 19.88
N CYS A 129 20.28 -7.12 18.99
CA CYS A 129 21.64 -7.04 18.48
C CYS A 129 22.30 -5.86 19.18
N LYS A 130 23.44 -6.13 19.81
CA LYS A 130 24.30 -5.11 20.39
C LYS A 130 25.59 -5.07 19.58
N VAL A 131 26.02 -3.86 19.27
CA VAL A 131 27.18 -3.63 18.42
C VAL A 131 28.12 -2.69 19.17
N SER A 132 29.37 -3.12 19.34
CA SER A 132 30.41 -2.32 19.97
C SER A 132 31.48 -1.99 18.95
N ASN A 133 32.00 -0.76 19.03
CA ASN A 133 33.05 -0.27 18.16
C ASN A 133 33.65 0.96 18.83
N LYS A 134 34.98 1.08 18.77
CA LYS A 134 35.68 2.11 19.54
C LYS A 134 35.38 3.53 19.06
N ALA A 135 34.76 3.69 17.90
CA ALA A 135 34.30 5.00 17.44
C ALA A 135 32.94 5.36 18.01
N LEU A 136 32.36 4.52 18.88
CA LEU A 136 31.08 4.76 19.52
C LEU A 136 31.32 5.14 20.97
N PRO A 137 30.65 6.18 21.48
CA PRO A 137 30.74 6.47 22.92
C PRO A 137 30.06 5.42 23.77
N ALA A 138 29.14 4.66 23.17
CA ALA A 138 28.42 3.58 23.83
C ALA A 138 28.00 2.58 22.77
N PRO A 139 27.88 1.31 23.14
CA PRO A 139 27.36 0.31 22.19
C PRO A 139 25.95 0.67 21.72
N ILE A 140 25.68 0.33 20.47
CA ILE A 140 24.36 0.52 19.87
C ILE A 140 23.58 -0.78 19.99
N GLU A 141 22.35 -0.68 20.48
CA GLU A 141 21.45 -1.81 20.63
C GLU A 141 20.25 -1.62 19.70
N LYS A 142 19.92 -2.66 18.95
CA LYS A 142 18.67 -2.74 18.19
C LYS A 142 17.91 -3.98 18.61
N THR A 143 16.59 -3.85 18.68
CA THR A 143 15.70 -4.92 19.09
C THR A 143 14.56 -5.00 18.09
N ILE A 144 14.19 -6.21 17.72
CA ILE A 144 13.03 -6.44 16.87
C ILE A 144 12.29 -7.66 17.40
N SER A 145 11.02 -7.77 16.97
CA SER A 145 10.18 -8.90 17.28
C SER A 145 9.03 -8.91 16.30
N LYS A 146 8.22 -9.97 16.36
CA LYS A 146 7.07 -10.10 15.50
C LYS A 146 6.01 -9.06 15.84
N ALA A 147 5.30 -8.61 14.80
CA ALA A 147 4.07 -7.85 14.97
C ALA A 147 3.20 -8.47 16.05
N LYS A 148 2.83 -7.66 17.05
CA LYS A 148 1.95 -8.03 18.16
C LYS A 148 0.46 -7.93 17.76
N GLY A 149 -0.38 -8.56 18.57
CA GLY A 149 -1.83 -8.54 18.37
C GLY A 149 -2.46 -9.92 18.32
N GLN A 150 -3.71 -10.01 18.77
CA GLN A 150 -4.47 -11.26 18.76
C GLN A 150 -4.52 -11.80 17.35
N PRO A 151 -4.07 -13.04 17.11
CA PRO A 151 -4.13 -13.58 15.75
C PRO A 151 -5.55 -13.86 15.32
N ARG A 152 -5.82 -13.63 14.04
CA ARG A 152 -7.12 -13.91 13.45
CA ARG A 152 -7.11 -13.90 13.44
C ARG A 152 -6.90 -14.64 12.13
N GLU A 153 -7.71 -15.66 11.91
CA GLU A 153 -7.50 -16.62 10.84
C GLU A 153 -8.04 -16.08 9.52
N PRO A 154 -7.23 -16.02 8.48
CA PRO A 154 -7.77 -15.63 7.16
C PRO A 154 -8.78 -16.63 6.63
N GLN A 155 -9.78 -16.09 5.94
CA GLN A 155 -10.66 -16.83 5.05
C GLN A 155 -10.19 -16.58 3.63
N VAL A 156 -10.17 -17.63 2.81
CA VAL A 156 -9.59 -17.60 1.47
C VAL A 156 -10.66 -18.03 0.48
N TYR A 157 -10.96 -17.13 -0.47
CA TYR A 157 -11.97 -17.35 -1.50
C TYR A 157 -11.37 -17.10 -2.89
N THR A 158 -11.50 -18.07 -3.78
CA THR A 158 -11.12 -17.89 -5.17
C THR A 158 -12.33 -17.44 -5.98
N LEU A 159 -12.09 -16.55 -6.93
CA LEU A 159 -13.15 -15.98 -7.75
C LEU A 159 -12.75 -16.12 -9.22
N PRO A 160 -13.61 -16.67 -10.06
CA PRO A 160 -13.30 -16.82 -11.50
C PRO A 160 -13.35 -15.47 -12.22
N PRO A 161 -12.99 -15.43 -13.49
CA PRO A 161 -13.06 -14.15 -14.22
C PRO A 161 -14.51 -13.75 -14.42
N SER A 162 -14.73 -12.44 -14.52
CA SER A 162 -16.00 -11.95 -15.01
C SER A 162 -16.23 -12.48 -16.42
N ARG A 163 -17.50 -12.77 -16.73
CA ARG A 163 -17.86 -13.13 -18.09
C ARG A 163 -17.45 -12.04 -19.07
N ASP A 164 -17.44 -10.78 -18.61
CA ASP A 164 -17.06 -9.67 -19.48
C ASP A 164 -15.58 -9.75 -19.87
N GLU A 165 -14.76 -10.42 -19.06
CA GLU A 165 -13.34 -10.53 -19.38
C GLU A 165 -13.05 -11.63 -20.38
N LEU A 166 -14.01 -12.50 -20.68
CA LEU A 166 -13.78 -13.65 -21.57
C LEU A 166 -13.63 -13.24 -23.04
N THR A 167 -13.71 -11.95 -23.33
CA THR A 167 -13.42 -11.43 -24.66
C THR A 167 -11.97 -10.99 -24.79
N LYS A 168 -11.19 -11.07 -23.71
CA LYS A 168 -9.80 -10.66 -23.75
C LYS A 168 -8.88 -11.85 -24.04
N ASN A 169 -7.65 -11.55 -24.47
CA ASN A 169 -6.66 -12.60 -24.65
C ASN A 169 -6.26 -13.24 -23.32
N GLN A 170 -6.32 -12.47 -22.24
CA GLN A 170 -5.95 -12.94 -20.90
C GLN A 170 -7.11 -12.69 -19.94
N VAL A 171 -7.19 -13.53 -18.91
CA VAL A 171 -8.23 -13.42 -17.89
C VAL A 171 -7.57 -13.39 -16.52
N SER A 172 -8.32 -12.83 -15.57
CA SER A 172 -7.86 -12.57 -14.22
C SER A 172 -8.54 -13.54 -13.27
N LEU A 173 -7.74 -14.36 -12.59
CA LEU A 173 -8.20 -15.20 -11.49
C LEU A 173 -7.86 -14.53 -10.17
N THR A 174 -8.85 -14.40 -9.30
CA THR A 174 -8.74 -13.58 -8.11
C THR A 174 -8.74 -14.45 -6.84
N CYS A 175 -7.85 -14.12 -5.92
CA CYS A 175 -7.79 -14.80 -4.62
C CYS A 175 -8.04 -13.76 -3.53
N LEU A 176 -9.18 -13.87 -2.87
CA LEU A 176 -9.54 -12.98 -1.77
C LEU A 176 -9.12 -13.62 -0.45
N VAL A 177 -8.30 -12.91 0.31
CA VAL A 177 -7.89 -13.35 1.65
C VAL A 177 -8.35 -12.27 2.60
N LYS A 178 -9.30 -12.60 3.47
CA LYS A 178 -9.86 -11.59 4.37
C LYS A 178 -9.90 -12.09 5.80
N GLY A 179 -9.93 -11.14 6.72
CA GLY A 179 -10.07 -11.43 8.14
C GLY A 179 -8.81 -11.86 8.87
N PHE A 180 -7.63 -11.53 8.35
CA PHE A 180 -6.43 -12.01 9.01
C PHE A 180 -5.79 -10.92 9.85
N TYR A 181 -5.07 -11.36 10.87
CA TYR A 181 -4.33 -10.50 11.79
C TYR A 181 -3.27 -11.36 12.48
N PRO A 182 -2.02 -10.87 12.57
CA PRO A 182 -1.50 -9.61 12.01
C PRO A 182 -1.38 -9.62 10.47
N SER A 183 -0.74 -8.59 9.92
CA SER A 183 -0.74 -8.40 8.47
C SER A 183 0.33 -9.23 7.76
N ASP A 184 1.25 -9.82 8.52
CA ASP A 184 2.32 -10.66 7.95
C ASP A 184 1.69 -11.88 7.29
N ILE A 185 1.94 -12.03 5.99
CA ILE A 185 1.27 -13.06 5.20
C ILE A 185 2.08 -13.29 3.94
N ALA A 186 2.03 -14.54 3.43
CA ALA A 186 2.54 -14.86 2.10
C ALA A 186 1.44 -15.50 1.27
N VAL A 187 1.34 -15.10 0.00
CA VAL A 187 0.33 -15.59 -0.94
C VAL A 187 1.03 -15.95 -2.25
N GLU A 188 0.78 -17.17 -2.71
CA GLU A 188 1.37 -17.69 -3.95
C GLU A 188 0.29 -18.37 -4.78
N TRP A 189 0.56 -18.46 -6.08
CA TRP A 189 -0.24 -19.22 -7.02
C TRP A 189 0.61 -20.32 -7.66
N GLU A 190 -0.07 -21.40 -8.04
CA GLU A 190 0.55 -22.53 -8.70
C GLU A 190 -0.48 -23.25 -9.55
N SER A 191 0.03 -24.10 -10.43
CA SER A 191 -0.78 -24.90 -11.34
C SER A 191 0.09 -26.04 -11.80
N ASN A 192 -0.48 -27.25 -11.80
CA ASN A 192 0.17 -28.44 -12.36
C ASN A 192 1.59 -28.62 -11.83
N GLY A 193 1.78 -28.28 -10.55
CA GLY A 193 3.03 -28.52 -9.86
C GLY A 193 4.09 -27.46 -10.03
N GLN A 194 3.74 -26.28 -10.56
CA GLN A 194 4.72 -25.26 -10.87
C GLN A 194 4.12 -23.90 -10.52
N PRO A 195 4.87 -23.05 -9.85
CA PRO A 195 4.38 -21.71 -9.55
C PRO A 195 4.07 -20.94 -10.83
N GLU A 196 3.07 -20.07 -10.74
CA GLU A 196 2.72 -19.12 -11.78
C GLU A 196 3.55 -17.84 -11.66
N ASN A 197 3.82 -17.21 -12.81
CA ASN A 197 4.65 -16.01 -12.80
C ASN A 197 3.82 -14.73 -12.75
N ASN A 198 2.76 -14.65 -13.56
CA ASN A 198 2.08 -13.38 -13.80
C ASN A 198 0.93 -13.21 -12.81
N TYR A 199 1.32 -13.01 -11.55
CA TYR A 199 0.37 -12.58 -10.54
C TYR A 199 0.92 -11.36 -9.79
N LYS A 200 -0.02 -10.55 -9.31
CA LYS A 200 0.27 -9.44 -8.40
C LYS A 200 -0.71 -9.49 -7.23
N THR A 201 -0.21 -9.15 -6.06
CA THR A 201 -0.99 -9.15 -4.83
C THR A 201 -0.96 -7.76 -4.22
N THR A 202 -2.13 -7.31 -3.75
CA THR A 202 -2.24 -6.00 -3.14
C THR A 202 -1.59 -6.03 -1.76
N PRO A 203 -1.23 -4.87 -1.22
CA PRO A 203 -0.84 -4.81 0.20
C PRO A 203 -2.02 -5.19 1.06
N PRO A 204 -1.77 -5.61 2.30
CA PRO A 204 -2.88 -5.75 3.25
C PRO A 204 -3.58 -4.41 3.41
N VAL A 205 -4.90 -4.47 3.43
CA VAL A 205 -5.76 -3.30 3.68
C VAL A 205 -6.49 -3.53 4.99
N LEU A 206 -6.43 -2.53 5.87
CA LEU A 206 -7.18 -2.56 7.12
C LEU A 206 -8.67 -2.52 6.85
N ASP A 207 -9.40 -3.50 7.36
CA ASP A 207 -10.84 -3.60 7.18
C ASP A 207 -11.56 -3.00 8.38
N SER A 208 -12.89 -2.90 8.27
CA SER A 208 -13.71 -2.19 9.23
C SER A 208 -13.78 -2.86 10.60
N ASP A 209 -13.35 -4.12 10.71
CA ASP A 209 -13.40 -4.85 11.98
C ASP A 209 -12.03 -4.95 12.65
N GLY A 210 -11.03 -4.23 12.15
CA GLY A 210 -9.68 -4.33 12.69
C GLY A 210 -8.80 -5.39 12.08
N SER A 211 -9.36 -6.32 11.29
CA SER A 211 -8.56 -7.28 10.56
C SER A 211 -8.14 -6.69 9.20
N PHE A 212 -7.25 -7.42 8.52
CA PHE A 212 -6.78 -7.07 7.20
C PHE A 212 -7.39 -7.99 6.15
N PHE A 213 -7.42 -7.47 4.93
CA PHE A 213 -7.72 -8.27 3.76
C PHE A 213 -6.77 -7.86 2.66
N LEU A 214 -6.65 -8.73 1.67
CA LEU A 214 -5.96 -8.39 0.44
C LEU A 214 -6.58 -9.18 -0.70
N TYR A 215 -6.18 -8.82 -1.91
CA TYR A 215 -6.51 -9.59 -3.09
C TYR A 215 -5.22 -9.93 -3.83
N SER A 216 -5.18 -11.12 -4.42
CA SER A 216 -4.13 -11.52 -5.35
C SER A 216 -4.79 -11.81 -6.68
N LYS A 217 -4.20 -11.27 -7.75
CA LYS A 217 -4.72 -11.40 -9.11
C LYS A 217 -3.72 -12.18 -9.93
N LEU A 218 -4.16 -13.34 -10.42
CA LEU A 218 -3.39 -14.16 -11.34
C LEU A 218 -3.93 -13.95 -12.76
N THR A 219 -3.04 -13.57 -13.67
CA THR A 219 -3.39 -13.36 -15.06
C THR A 219 -2.91 -14.56 -15.88
N VAL A 220 -3.83 -15.23 -16.56
CA VAL A 220 -3.52 -16.37 -17.39
C VAL A 220 -4.07 -16.13 -18.78
N ASP A 221 -3.39 -16.70 -19.77
CA ASP A 221 -3.95 -16.71 -21.11
C ASP A 221 -5.29 -17.43 -21.10
N LYS A 222 -6.25 -16.90 -21.86
CA LYS A 222 -7.61 -17.41 -21.83
C LYS A 222 -7.68 -18.88 -22.24
N SER A 223 -6.88 -19.27 -23.25
CA SER A 223 -6.85 -20.67 -23.68
C SER A 223 -6.63 -21.62 -22.50
N ARG A 224 -5.73 -21.24 -21.57
CA ARG A 224 -5.43 -22.12 -20.43
C ARG A 224 -6.63 -22.24 -19.51
N TRP A 225 -7.36 -21.13 -19.32
CA TRP A 225 -8.57 -21.16 -18.51
C TRP A 225 -9.66 -22.00 -19.16
N GLN A 226 -9.87 -21.81 -20.47
CA GLN A 226 -10.90 -22.55 -21.20
C GLN A 226 -10.59 -24.05 -21.31
N GLN A 227 -9.31 -24.43 -21.26
CA GLN A 227 -8.93 -25.83 -21.32
C GLN A 227 -9.13 -26.56 -20.00
N GLY A 228 -9.63 -25.89 -18.96
CA GLY A 228 -9.98 -26.58 -17.73
C GLY A 228 -8.85 -26.76 -16.74
N ASN A 229 -7.73 -26.07 -16.93
CA ASN A 229 -6.62 -26.19 -16.01
C ASN A 229 -7.01 -25.65 -14.64
N VAL A 230 -6.54 -26.35 -13.59
CA VAL A 230 -6.83 -25.96 -12.23
C VAL A 230 -5.72 -25.04 -11.72
N PHE A 231 -6.13 -23.91 -11.19
CA PHE A 231 -5.24 -22.91 -10.62
C PHE A 231 -5.50 -22.81 -9.13
N SER A 232 -4.43 -22.62 -8.36
CA SER A 232 -4.46 -22.75 -6.90
C SER A 232 -3.77 -21.58 -6.24
N CYS A 233 -4.47 -20.95 -5.30
CA CYS A 233 -3.96 -19.91 -4.42
C CYS A 233 -3.60 -20.54 -3.08
N SER A 234 -2.33 -20.45 -2.69
CA SER A 234 -1.86 -20.93 -1.40
C SER A 234 -1.59 -19.72 -0.50
N VAL A 235 -2.04 -19.80 0.75
CA VAL A 235 -1.91 -18.72 1.71
C VAL A 235 -1.21 -19.25 2.94
N MET A 236 -0.25 -18.49 3.45
CA MET A 236 0.55 -18.86 4.59
C MET A 236 0.45 -17.77 5.65
N HIS A 237 -0.05 -18.14 6.82
CA HIS A 237 -0.35 -17.18 7.88
C HIS A 237 -0.32 -17.91 9.22
N GLU A 238 0.21 -17.22 10.24
CA GLU A 238 0.38 -17.85 11.55
C GLU A 238 -0.93 -18.32 12.17
N ALA A 239 -2.08 -17.77 11.73
CA ALA A 239 -3.35 -18.12 12.36
C ALA A 239 -4.08 -19.25 11.64
N LEU A 240 -3.47 -19.79 10.58
CA LEU A 240 -4.00 -20.94 9.86
C LEU A 240 -3.51 -22.22 10.53
N HIS A 241 -4.35 -23.23 10.53
CA HIS A 241 -3.87 -24.56 10.88
C HIS A 241 -2.72 -24.95 9.96
N ASN A 242 -1.60 -25.34 10.56
CA ASN A 242 -0.33 -25.67 9.88
C ASN A 242 0.22 -24.49 9.06
N HIS A 243 -0.27 -23.28 9.35
CA HIS A 243 0.24 -22.04 8.77
C HIS A 243 0.04 -21.98 7.27
N TYR A 244 -0.89 -22.79 6.75
CA TYR A 244 -1.06 -22.96 5.32
C TYR A 244 -2.49 -23.36 5.01
N THR A 245 -3.03 -22.79 3.93
CA THR A 245 -4.29 -23.27 3.37
C THR A 245 -4.27 -22.99 1.88
N GLN A 246 -5.07 -23.75 1.13
CA GLN A 246 -5.08 -23.63 -0.31
C GLN A 246 -6.50 -23.71 -0.82
N LYS A 247 -6.78 -22.90 -1.84
CA LYS A 247 -8.04 -22.93 -2.56
C LYS A 247 -7.74 -22.98 -4.05
N SER A 248 -8.56 -23.72 -4.79
CA SER A 248 -8.34 -24.00 -6.19
C SER A 248 -9.59 -23.64 -6.98
N LEU A 249 -9.40 -23.32 -8.26
CA LEU A 249 -10.54 -23.07 -9.12
C LEU A 249 -10.20 -23.47 -10.55
N SER A 250 -11.25 -23.81 -11.29
CA SER A 250 -11.17 -24.22 -12.69
C SER A 250 -12.47 -23.82 -13.37
N LEU A 251 -12.44 -23.85 -14.70
CA LEU A 251 -13.60 -23.51 -15.51
C LEU A 251 -14.73 -24.52 -15.28
N GLY B 45 12.77 28.01 9.88
CA GLY B 45 11.84 28.85 9.13
C GLY B 45 10.65 28.08 8.59
N PRO B 46 9.74 28.79 7.92
CA PRO B 46 8.51 28.14 7.43
C PRO B 46 8.81 27.13 6.33
N SER B 47 7.89 26.18 6.21
CA SER B 47 7.93 25.17 5.16
C SER B 47 6.55 25.09 4.51
N VAL B 48 6.53 24.70 3.24
CA VAL B 48 5.35 24.79 2.39
C VAL B 48 5.06 23.42 1.80
N PHE B 49 3.78 23.06 1.79
CA PHE B 49 3.32 21.82 1.17
C PHE B 49 2.14 22.12 0.26
N LEU B 50 2.22 21.63 -0.97
CA LEU B 50 1.25 21.89 -2.03
C LEU B 50 0.51 20.59 -2.36
N PHE B 51 -0.81 20.68 -2.37
CA PHE B 51 -1.64 19.51 -2.46
C PHE B 51 -2.56 19.56 -3.68
N PRO B 52 -2.72 18.44 -4.38
CA PRO B 52 -3.51 18.40 -5.60
C PRO B 52 -4.99 18.36 -5.27
N PRO B 53 -5.84 18.63 -6.25
CA PRO B 53 -7.28 18.39 -6.07
C PRO B 53 -7.56 16.90 -5.88
N LYS B 54 -8.76 16.61 -5.39
CA LYS B 54 -9.21 15.23 -5.34
C LYS B 54 -9.55 14.78 -6.76
N PRO B 55 -9.21 13.55 -7.14
CA PRO B 55 -9.52 13.11 -8.53
C PRO B 55 -10.98 13.24 -8.88
N LYS B 56 -11.87 12.83 -7.96
CA LYS B 56 -13.30 12.92 -8.25
C LYS B 56 -13.70 14.35 -8.58
N ASP B 57 -13.09 15.33 -7.89
CA ASP B 57 -13.40 16.74 -8.15
C ASP B 57 -12.98 17.15 -9.56
N THR B 58 -11.85 16.63 -10.04
CA THR B 58 -11.37 16.98 -11.38
C THR B 58 -12.13 16.27 -12.48
N LEU B 59 -12.82 15.19 -12.15
CA LEU B 59 -13.43 14.38 -13.20
C LEU B 59 -14.91 14.67 -13.40
N MET B 60 -15.61 15.16 -12.37
CA MET B 60 -17.05 15.43 -12.44
C MET B 60 -17.24 16.95 -12.50
N ILE B 61 -17.89 17.42 -13.56
CA ILE B 61 -17.83 18.82 -13.91
C ILE B 61 -18.54 19.69 -12.88
N SER B 62 -19.53 19.13 -12.17
CA SER B 62 -20.27 19.88 -11.15
C SER B 62 -19.45 20.13 -9.88
N ARG B 63 -18.49 19.26 -9.58
CA ARG B 63 -17.74 19.41 -8.35
C ARG B 63 -16.65 20.47 -8.51
N THR B 64 -15.97 20.78 -7.40
CA THR B 64 -15.14 21.97 -7.30
C THR B 64 -13.70 21.58 -6.92
N PRO B 65 -12.84 21.31 -7.92
CA PRO B 65 -11.43 20.99 -7.62
C PRO B 65 -10.62 22.22 -7.19
N GLU B 66 -9.75 22.00 -6.21
CA GLU B 66 -8.93 23.04 -5.60
C GLU B 66 -7.50 22.51 -5.44
N VAL B 67 -6.53 23.39 -5.70
CA VAL B 67 -5.14 23.18 -5.28
C VAL B 67 -4.94 23.95 -3.99
N THR B 68 -4.28 23.33 -3.00
CA THR B 68 -4.17 23.89 -1.66
C THR B 68 -2.70 24.08 -1.27
N CYS B 69 -2.33 25.32 -0.95
CA CYS B 69 -0.99 25.66 -0.50
C CYS B 69 -1.03 25.85 1.02
N VAL B 70 -0.23 25.05 1.72
CA VAL B 70 -0.21 25.01 3.18
C VAL B 70 1.15 25.47 3.66
N VAL B 71 1.15 26.47 4.53
CA VAL B 71 2.36 26.98 5.16
C VAL B 71 2.30 26.68 6.65
N VAL B 72 3.32 25.98 7.14
CA VAL B 72 3.43 25.61 8.54
C VAL B 72 4.70 26.23 9.13
N ASP B 73 4.82 26.14 10.46
CA ASP B 73 5.95 26.68 11.20
C ASP B 73 6.15 28.17 10.90
N VAL B 74 5.04 28.88 10.72
CA VAL B 74 5.05 30.33 10.70
C VAL B 74 5.16 30.83 12.12
N SER B 75 6.16 31.66 12.39
CA SER B 75 6.45 32.12 13.74
C SER B 75 5.51 33.25 14.16
N HIS B 76 5.57 33.58 15.44
CA HIS B 76 4.80 34.71 15.97
C HIS B 76 5.52 36.03 15.75
N GLU B 77 6.87 36.00 15.76
CA GLU B 77 7.63 37.23 15.54
C GLU B 77 7.49 37.71 14.11
N ASP B 78 7.38 36.79 13.15
CA ASP B 78 7.22 37.12 11.74
C ASP B 78 6.03 36.34 11.18
N PRO B 79 4.81 36.75 11.51
CA PRO B 79 3.62 35.96 11.17
C PRO B 79 2.97 36.28 9.83
N GLU B 80 3.45 37.27 9.09
CA GLU B 80 2.80 37.70 7.85
C GLU B 80 3.30 36.85 6.69
N VAL B 81 2.36 36.32 5.90
CA VAL B 81 2.66 35.44 4.77
C VAL B 81 1.94 35.97 3.54
N LYS B 82 2.66 36.07 2.43
CA LYS B 82 2.10 36.47 1.15
C LYS B 82 2.12 35.30 0.19
N PHE B 83 1.00 35.07 -0.49
CA PHE B 83 0.90 34.03 -1.50
C PHE B 83 0.86 34.64 -2.89
N ASN B 84 1.60 34.02 -3.81
CA ASN B 84 1.52 34.29 -5.24
C ASN B 84 1.25 32.98 -5.96
N TRP B 85 0.22 32.99 -6.80
CA TRP B 85 -0.23 31.79 -7.52
C TRP B 85 0.02 31.96 -9.01
N TYR B 86 0.41 30.86 -9.65
CA TYR B 86 0.76 30.87 -11.07
C TYR B 86 0.24 29.61 -11.72
N VAL B 87 -0.37 29.78 -12.90
CA VAL B 87 -0.84 28.68 -13.73
C VAL B 87 -0.07 28.76 -15.04
N ASP B 88 0.82 27.79 -15.27
CA ASP B 88 1.76 27.80 -16.39
C ASP B 88 2.49 29.13 -16.48
N GLY B 89 3.06 29.56 -15.34
CA GLY B 89 3.85 30.78 -15.28
C GLY B 89 3.07 32.07 -15.26
N VAL B 90 1.74 32.01 -15.43
CA VAL B 90 0.90 33.18 -15.51
C VAL B 90 0.28 33.42 -14.13
N GLU B 91 0.54 34.59 -13.55
CA GLU B 91 0.02 34.86 -12.22
C GLU B 91 -1.50 34.96 -12.26
N VAL B 92 -2.14 34.42 -11.24
CA VAL B 92 -3.59 34.48 -11.07
C VAL B 92 -3.88 34.97 -9.65
N HIS B 93 -4.97 35.73 -9.51
CA HIS B 93 -5.28 36.39 -8.24
C HIS B 93 -6.64 36.00 -7.68
N ASN B 94 -7.17 34.83 -8.06
CA ASN B 94 -8.47 34.39 -7.57
C ASN B 94 -8.37 33.34 -6.45
N ALA B 95 -7.20 33.19 -5.84
CA ALA B 95 -7.08 32.34 -4.67
C ALA B 95 -7.74 32.98 -3.45
N LYS B 96 -8.19 32.15 -2.52
CA LYS B 96 -8.78 32.59 -1.26
C LYS B 96 -7.90 32.08 -0.13
N THR B 97 -7.30 33.01 0.61
CA THR B 97 -6.33 32.70 1.65
C THR B 97 -7.01 32.83 3.01
N LYS B 98 -6.85 31.80 3.84
CA LYS B 98 -7.50 31.70 5.14
C LYS B 98 -6.67 32.39 6.21
N PRO B 99 -7.30 32.78 7.32
CA PRO B 99 -6.53 33.46 8.38
C PRO B 99 -5.66 32.48 9.15
N ARG B 100 -4.51 32.97 9.58
CA ARG B 100 -3.58 32.20 10.39
C ARG B 100 -4.31 31.49 11.52
N GLU B 101 -4.08 30.18 11.64
CA GLU B 101 -4.59 29.37 12.73
C GLU B 101 -3.41 28.87 13.57
N GLU B 102 -3.45 29.14 14.86
CA GLU B 102 -2.36 28.76 15.75
C GLU B 102 -2.41 27.27 16.06
N GLN B 103 -1.25 26.63 15.98
CA GLN B 103 -1.11 25.22 16.30
C GLN B 103 -0.69 25.05 17.75
N TYR B 104 -0.90 23.83 18.27
CA TYR B 104 -0.55 23.54 19.64
C TYR B 104 0.95 23.62 19.89
N ASN B 105 1.77 23.58 18.83
CA ASN B 105 3.21 23.70 18.97
C ASN B 105 3.70 25.14 18.88
N SER B 106 2.78 26.10 19.06
CA SER B 106 3.08 27.54 19.09
C SER B 106 3.61 28.05 17.77
N THR B 107 3.26 27.41 16.67
CA THR B 107 3.54 27.91 15.34
C THR B 107 2.22 28.21 14.63
N TYR B 108 2.30 29.10 13.65
CA TYR B 108 1.13 29.42 12.84
C TYR B 108 1.08 28.54 11.60
N ARG B 109 -0.14 28.34 11.11
CA ARG B 109 -0.40 27.56 9.92
C ARG B 109 -1.38 28.35 9.07
N VAL B 110 -0.97 28.70 7.86
CA VAL B 110 -1.77 29.54 6.99
C VAL B 110 -1.95 28.83 5.65
N VAL B 111 -3.18 28.83 5.16
CA VAL B 111 -3.60 28.03 4.01
C VAL B 111 -4.19 28.94 2.95
N SER B 112 -3.76 28.74 1.70
CA SER B 112 -4.33 29.42 0.56
C SER B 112 -4.88 28.37 -0.38
N VAL B 113 -6.05 28.64 -0.95
CA VAL B 113 -6.80 27.67 -1.75
C VAL B 113 -7.07 28.27 -3.11
N LEU B 114 -6.66 27.55 -4.17
CA LEU B 114 -6.87 27.98 -5.53
C LEU B 114 -7.86 27.04 -6.22
N THR B 115 -9.00 27.59 -6.62
CA THR B 115 -9.92 26.83 -7.46
C THR B 115 -9.37 26.71 -8.86
N VAL B 116 -9.46 25.52 -9.43
CA VAL B 116 -8.88 25.26 -10.73
C VAL B 116 -9.97 24.83 -11.70
N LEU B 117 -9.71 25.04 -12.98
CA LEU B 117 -10.57 24.55 -14.04
C LEU B 117 -10.26 23.08 -14.29
N HIS B 118 -11.32 22.25 -14.28
CA HIS B 118 -11.19 20.82 -14.52
C HIS B 118 -10.27 20.52 -15.70
N GLN B 119 -10.54 21.17 -16.83
CA GLN B 119 -9.80 20.84 -18.04
C GLN B 119 -8.35 21.31 -17.97
N ASP B 120 -8.08 22.40 -17.23
CA ASP B 120 -6.69 22.83 -17.02
C ASP B 120 -5.90 21.76 -16.27
N TRP B 121 -6.45 21.26 -15.16
CA TRP B 121 -5.78 20.19 -14.42
C TRP B 121 -5.56 18.95 -15.30
N LEU B 122 -6.61 18.53 -16.01
CA LEU B 122 -6.54 17.34 -16.85
C LEU B 122 -5.58 17.50 -18.03
N ASN B 123 -5.40 18.72 -18.53
CA ASN B 123 -4.48 18.94 -19.64
C ASN B 123 -3.04 19.13 -19.17
N GLY B 124 -2.78 18.98 -17.87
CA GLY B 124 -1.42 19.01 -17.38
C GLY B 124 -0.86 20.38 -17.12
N LYS B 125 -1.71 21.39 -16.90
CA LYS B 125 -1.19 22.70 -16.52
C LYS B 125 -0.54 22.61 -15.15
N GLU B 126 0.50 23.44 -14.97
CA GLU B 126 1.30 23.46 -13.75
C GLU B 126 0.83 24.57 -12.83
N TYR B 127 0.74 24.25 -11.54
CA TYR B 127 0.23 25.15 -10.52
C TYR B 127 1.34 25.41 -9.51
N LYS B 128 1.75 26.68 -9.40
CA LYS B 128 2.86 27.09 -8.54
C LYS B 128 2.33 28.02 -7.46
N CYS B 129 2.61 27.66 -6.20
CA CYS B 129 2.40 28.52 -5.06
C CYS B 129 3.74 29.08 -4.64
N LYS B 130 3.82 30.41 -4.53
CA LYS B 130 4.99 31.08 -3.99
C LYS B 130 4.61 31.70 -2.65
N VAL B 131 5.49 31.53 -1.67
CA VAL B 131 5.22 31.86 -0.29
C VAL B 131 6.32 32.80 0.18
N SER B 132 5.95 34.06 0.42
CA SER B 132 6.88 35.05 0.95
C SER B 132 6.61 35.25 2.44
N ASN B 133 7.68 35.48 3.19
CA ASN B 133 7.58 35.72 4.62
C ASN B 133 8.91 36.28 5.10
N LYS B 134 8.84 37.22 6.06
CA LYS B 134 10.03 37.93 6.53
C LYS B 134 11.09 36.99 7.08
N ALA B 135 10.71 35.79 7.52
CA ALA B 135 11.66 34.78 8.01
C ALA B 135 12.20 33.91 6.88
N LEU B 136 11.75 34.13 5.65
CA LEU B 136 12.28 33.45 4.49
C LEU B 136 13.18 34.42 3.76
N PRO B 137 14.51 34.26 3.80
CA PRO B 137 15.37 35.18 3.04
C PRO B 137 15.10 35.11 1.55
N ALA B 138 14.59 33.97 1.08
CA ALA B 138 14.05 33.79 -0.25
C ALA B 138 12.71 33.08 -0.14
N PRO B 139 11.74 33.42 -0.98
CA PRO B 139 10.44 32.74 -0.93
C PRO B 139 10.57 31.27 -1.28
N ILE B 140 9.52 30.54 -0.95
CA ILE B 140 9.40 29.12 -1.25
C ILE B 140 8.40 28.96 -2.39
N GLU B 141 8.86 28.38 -3.49
CA GLU B 141 7.98 28.03 -4.60
C GLU B 141 7.82 26.51 -4.66
N LYS B 142 6.57 26.06 -4.65
CA LYS B 142 6.22 24.68 -4.91
C LYS B 142 5.35 24.62 -6.15
N THR B 143 5.62 23.62 -7.00
CA THR B 143 4.84 23.42 -8.22
C THR B 143 4.32 21.98 -8.27
N ILE B 144 3.05 21.83 -8.65
CA ILE B 144 2.38 20.56 -8.75
C ILE B 144 1.58 20.50 -10.07
N SER B 145 1.38 19.29 -10.57
CA SER B 145 0.52 19.05 -11.72
C SER B 145 -0.01 17.61 -11.64
N LYS B 146 -1.00 17.33 -12.49
CA LYS B 146 -1.55 15.98 -12.60
C LYS B 146 -0.47 14.98 -12.98
N ALA B 147 -0.60 13.76 -12.46
CA ALA B 147 0.35 12.69 -12.77
C ALA B 147 0.44 12.50 -14.29
N LYS B 148 1.68 12.46 -14.80
CA LYS B 148 1.89 12.34 -16.23
C LYS B 148 1.75 10.88 -16.68
N GLY B 149 1.56 10.72 -17.99
CA GLY B 149 1.63 9.42 -18.64
C GLY B 149 0.51 9.24 -19.65
N GLN B 150 0.76 8.41 -20.64
CA GLN B 150 -0.26 8.05 -21.63
C GLN B 150 -1.44 7.42 -20.90
N PRO B 151 -2.66 7.98 -21.00
CA PRO B 151 -3.78 7.43 -20.23
C PRO B 151 -4.27 6.12 -20.82
N ARG B 152 -4.64 5.19 -19.94
CA ARG B 152 -5.20 3.90 -20.34
CA ARG B 152 -5.22 3.92 -20.37
C ARG B 152 -6.51 3.66 -19.62
N GLU B 153 -7.49 3.17 -20.38
CA GLU B 153 -8.86 3.00 -19.91
C GLU B 153 -8.99 1.85 -18.92
N PRO B 154 -9.49 2.10 -17.71
CA PRO B 154 -9.81 0.99 -16.80
C PRO B 154 -10.87 0.07 -17.40
N GLN B 155 -10.65 -1.22 -17.22
CA GLN B 155 -11.67 -2.24 -17.41
C GLN B 155 -12.23 -2.58 -16.03
N VAL B 156 -13.56 -2.56 -15.91
CA VAL B 156 -14.25 -2.70 -14.64
C VAL B 156 -15.00 -4.02 -14.67
N TYR B 157 -14.66 -4.93 -13.75
CA TYR B 157 -15.27 -6.25 -13.67
C TYR B 157 -15.83 -6.48 -12.27
N THR B 158 -17.12 -6.79 -12.19
CA THR B 158 -17.73 -7.14 -10.91
C THR B 158 -17.75 -8.66 -10.73
N LEU B 159 -17.45 -9.08 -9.51
CA LEU B 159 -17.24 -10.50 -9.17
C LEU B 159 -18.15 -10.82 -7.98
N PRO B 160 -19.00 -11.83 -8.08
CA PRO B 160 -19.90 -12.17 -6.98
C PRO B 160 -19.15 -12.88 -5.86
N PRO B 161 -19.79 -13.06 -4.69
CA PRO B 161 -19.17 -13.84 -3.62
C PRO B 161 -18.84 -15.25 -4.08
N SER B 162 -17.73 -15.79 -3.55
CA SER B 162 -17.48 -17.22 -3.68
C SER B 162 -18.57 -18.03 -2.99
N ARG B 163 -18.83 -19.22 -3.55
CA ARG B 163 -19.75 -20.17 -2.94
C ARG B 163 -19.39 -20.44 -1.49
N ASP B 164 -18.09 -20.56 -1.20
CA ASP B 164 -17.63 -20.85 0.16
C ASP B 164 -18.06 -19.78 1.14
N GLU B 165 -18.16 -18.53 0.69
CA GLU B 165 -18.50 -17.42 1.58
C GLU B 165 -19.98 -17.39 1.97
N LEU B 166 -20.83 -18.15 1.27
CA LEU B 166 -22.27 -18.10 1.54
C LEU B 166 -22.65 -18.74 2.87
N THR B 167 -21.69 -19.30 3.60
CA THR B 167 -21.94 -19.83 4.94
C THR B 167 -21.84 -18.75 6.02
N LYS B 168 -21.40 -17.55 5.65
CA LYS B 168 -21.24 -16.40 6.53
C LYS B 168 -22.50 -15.54 6.50
N ASN B 169 -22.64 -14.70 7.54
CA ASN B 169 -23.75 -13.75 7.58
C ASN B 169 -23.53 -12.55 6.67
N GLN B 170 -22.27 -12.22 6.34
CA GLN B 170 -21.93 -11.20 5.37
C GLN B 170 -21.09 -11.80 4.25
N VAL B 171 -21.26 -11.25 3.04
CA VAL B 171 -20.55 -11.71 1.86
C VAL B 171 -19.84 -10.53 1.22
N SER B 172 -18.83 -10.84 0.42
CA SER B 172 -17.97 -9.84 -0.20
C SER B 172 -18.35 -9.71 -1.67
N LEU B 173 -18.69 -8.50 -2.09
CA LEU B 173 -18.91 -8.19 -3.49
C LEU B 173 -17.68 -7.46 -4.00
N THR B 174 -17.08 -7.96 -5.08
CA THR B 174 -15.77 -7.51 -5.52
C THR B 174 -15.88 -6.75 -6.85
N CYS B 175 -15.20 -5.60 -6.91
CA CYS B 175 -15.09 -4.82 -8.14
C CYS B 175 -13.62 -4.75 -8.50
N LEU B 176 -13.24 -5.46 -9.56
CA LEU B 176 -11.87 -5.42 -10.07
C LEU B 176 -11.78 -4.31 -11.11
N VAL B 177 -10.79 -3.43 -10.96
CA VAL B 177 -10.57 -2.33 -11.89
C VAL B 177 -9.13 -2.43 -12.37
N LYS B 178 -8.94 -2.81 -13.63
CA LYS B 178 -7.57 -3.01 -14.10
C LYS B 178 -7.33 -2.27 -15.40
N GLY B 179 -6.04 -2.19 -15.77
CA GLY B 179 -5.59 -1.62 -17.02
C GLY B 179 -5.56 -0.10 -17.08
N PHE B 180 -5.61 0.58 -15.93
CA PHE B 180 -5.74 2.03 -15.99
C PHE B 180 -4.44 2.74 -15.70
N TYR B 181 -4.34 3.95 -16.26
CA TYR B 181 -3.19 4.81 -16.10
C TYR B 181 -3.66 6.22 -16.49
N PRO B 182 -3.22 7.24 -15.75
CA PRO B 182 -2.45 7.15 -14.49
C PRO B 182 -3.32 6.63 -13.32
N SER B 183 -2.76 6.62 -12.10
CA SER B 183 -3.42 5.90 -11.02
C SER B 183 -4.52 6.69 -10.33
N ASP B 184 -4.68 7.99 -10.67
CA ASP B 184 -5.73 8.83 -10.09
C ASP B 184 -7.10 8.26 -10.45
N ILE B 185 -7.84 7.84 -9.44
CA ILE B 185 -9.10 7.15 -9.66
C ILE B 185 -10.02 7.35 -8.46
N ALA B 186 -11.32 7.12 -8.70
CA ALA B 186 -12.35 7.10 -7.66
C ALA B 186 -13.26 5.91 -7.93
N VAL B 187 -13.51 5.11 -6.90
CA VAL B 187 -14.32 3.89 -6.97
C VAL B 187 -15.35 3.96 -5.86
N GLU B 188 -16.63 3.81 -6.21
CA GLU B 188 -17.72 3.89 -5.25
C GLU B 188 -18.72 2.77 -5.54
N TRP B 189 -19.48 2.43 -4.50
CA TRP B 189 -20.56 1.46 -4.59
C TRP B 189 -21.90 2.10 -4.29
N GLU B 190 -22.94 1.51 -4.86
CA GLU B 190 -24.29 1.95 -4.55
C GLU B 190 -25.26 0.81 -4.83
N SER B 191 -26.47 0.99 -4.32
CA SER B 191 -27.61 0.14 -4.63
C SER B 191 -28.85 1.02 -4.62
N ASN B 192 -29.69 0.83 -5.65
CA ASN B 192 -30.91 1.62 -5.79
C ASN B 192 -30.59 3.12 -5.74
N GLY B 193 -29.49 3.49 -6.41
CA GLY B 193 -29.04 4.86 -6.50
C GLY B 193 -28.43 5.45 -5.24
N GLN B 194 -28.39 4.70 -4.12
CA GLN B 194 -27.94 5.28 -2.86
C GLN B 194 -26.58 4.71 -2.47
N PRO B 195 -25.69 5.55 -1.91
CA PRO B 195 -24.37 5.08 -1.51
C PRO B 195 -24.44 3.85 -0.61
N GLU B 196 -23.59 2.89 -0.91
CA GLU B 196 -23.32 1.71 -0.08
C GLU B 196 -21.87 1.88 0.33
N ASN B 197 -21.64 2.40 1.54
CA ASN B 197 -20.30 2.84 1.88
C ASN B 197 -19.54 1.87 2.80
N ASN B 198 -20.13 0.71 3.13
CA ASN B 198 -19.41 -0.30 3.91
C ASN B 198 -18.47 -1.09 2.99
N TYR B 199 -17.57 -0.36 2.36
CA TYR B 199 -16.60 -0.95 1.47
C TYR B 199 -15.23 -0.36 1.76
N LYS B 200 -14.24 -1.06 1.23
CA LYS B 200 -12.82 -0.74 1.35
C LYS B 200 -12.20 -1.05 0.01
N THR B 201 -11.31 -0.17 -0.44
CA THR B 201 -10.65 -0.30 -1.75
C THR B 201 -9.15 -0.37 -1.54
N THR B 202 -8.49 -1.31 -2.24
CA THR B 202 -7.05 -1.39 -2.16
C THR B 202 -6.43 -0.15 -2.82
N PRO B 203 -5.20 0.21 -2.42
CA PRO B 203 -4.41 1.15 -3.22
C PRO B 203 -4.21 0.61 -4.61
N PRO B 204 -3.93 1.47 -5.59
CA PRO B 204 -3.56 0.97 -6.92
C PRO B 204 -2.24 0.19 -6.83
N VAL B 205 -2.20 -0.92 -7.53
CA VAL B 205 -1.03 -1.78 -7.63
C VAL B 205 -0.56 -1.76 -9.08
N LEU B 206 0.73 -1.49 -9.26
CA LEU B 206 1.35 -1.51 -10.58
C LEU B 206 1.38 -2.93 -11.13
N ASP B 207 0.78 -3.12 -12.29
CA ASP B 207 0.68 -4.43 -12.91
C ASP B 207 1.88 -4.63 -13.84
N SER B 208 2.00 -5.85 -14.39
CA SER B 208 3.19 -6.23 -15.13
C SER B 208 3.33 -5.50 -16.47
N ASP B 209 2.29 -4.80 -16.93
CA ASP B 209 2.32 -4.13 -18.23
C ASP B 209 2.47 -2.62 -18.12
N GLY B 210 2.75 -2.09 -16.93
CA GLY B 210 2.85 -0.67 -16.69
C GLY B 210 1.56 -0.01 -16.25
N SER B 211 0.44 -0.68 -16.44
CA SER B 211 -0.85 -0.20 -15.97
C SER B 211 -1.00 -0.49 -14.46
N PHE B 212 -2.06 0.08 -13.88
CA PHE B 212 -2.46 -0.18 -12.49
C PHE B 212 -3.74 -0.98 -12.42
N PHE B 213 -3.88 -1.70 -11.30
CA PHE B 213 -5.15 -2.35 -10.98
C PHE B 213 -5.44 -2.12 -9.51
N LEU B 214 -6.72 -2.28 -9.15
CA LEU B 214 -7.12 -2.31 -7.75
C LEU B 214 -8.33 -3.21 -7.62
N TYR B 215 -8.66 -3.54 -6.37
CA TYR B 215 -9.93 -4.17 -6.04
C TYR B 215 -10.69 -3.34 -5.02
N SER B 216 -12.02 -3.37 -5.13
CA SER B 216 -12.90 -2.78 -4.13
C SER B 216 -13.80 -3.89 -3.61
N LYS B 217 -13.93 -3.95 -2.29
CA LYS B 217 -14.68 -4.99 -1.58
C LYS B 217 -15.83 -4.34 -0.83
N LEU B 218 -17.04 -4.61 -1.28
CA LEU B 218 -18.26 -4.20 -0.59
C LEU B 218 -18.77 -5.37 0.23
N THR B 219 -19.00 -5.13 1.50
CA THR B 219 -19.51 -6.13 2.42
C THR B 219 -20.99 -5.87 2.67
N VAL B 220 -21.82 -6.89 2.44
CA VAL B 220 -23.27 -6.78 2.65
C VAL B 220 -23.78 -8.00 3.40
N ASP B 221 -24.91 -7.80 4.08
CA ASP B 221 -25.69 -8.91 4.61
C ASP B 221 -25.98 -9.93 3.51
N LYS B 222 -25.75 -11.22 3.82
CA LYS B 222 -26.04 -12.27 2.86
C LYS B 222 -27.49 -12.22 2.40
N SER B 223 -28.42 -11.90 3.31
CA SER B 223 -29.83 -11.86 2.94
C SER B 223 -30.10 -10.86 1.82
N ARG B 224 -29.36 -9.74 1.80
CA ARG B 224 -29.52 -8.77 0.73
C ARG B 224 -29.09 -9.35 -0.62
N TRP B 225 -27.99 -10.11 -0.63
CA TRP B 225 -27.51 -10.70 -1.88
C TRP B 225 -28.45 -11.78 -2.40
N GLN B 226 -28.84 -12.73 -1.53
CA GLN B 226 -29.63 -13.86 -1.98
C GLN B 226 -31.05 -13.47 -2.34
N GLN B 227 -31.53 -12.32 -1.86
CA GLN B 227 -32.83 -11.82 -2.27
C GLN B 227 -32.78 -11.04 -3.58
N GLY B 228 -31.61 -10.92 -4.21
CA GLY B 228 -31.53 -10.40 -5.56
C GLY B 228 -31.40 -8.90 -5.71
N ASN B 229 -31.06 -8.18 -4.63
CA ASN B 229 -30.79 -6.76 -4.77
C ASN B 229 -29.62 -6.53 -5.71
N VAL B 230 -29.67 -5.40 -6.42
CA VAL B 230 -28.66 -5.05 -7.41
C VAL B 230 -27.69 -4.06 -6.77
N PHE B 231 -26.40 -4.38 -6.86
CA PHE B 231 -25.35 -3.48 -6.41
C PHE B 231 -24.56 -3.06 -7.63
N SER B 232 -23.92 -1.89 -7.54
CA SER B 232 -23.18 -1.40 -8.69
C SER B 232 -21.90 -0.74 -8.24
N CYS B 233 -20.83 -1.05 -8.97
CA CYS B 233 -19.54 -0.41 -8.80
C CYS B 233 -19.44 0.72 -9.80
N SER B 234 -19.17 1.93 -9.30
CA SER B 234 -18.98 3.11 -10.14
C SER B 234 -17.50 3.46 -10.10
N VAL B 235 -16.94 3.78 -11.27
CA VAL B 235 -15.53 4.11 -11.39
C VAL B 235 -15.40 5.39 -12.19
N MET B 236 -14.56 6.29 -11.69
CA MET B 236 -14.30 7.56 -12.34
C MET B 236 -12.81 7.68 -12.65
N HIS B 237 -12.51 8.00 -13.91
CA HIS B 237 -11.13 8.00 -14.40
C HIS B 237 -11.06 8.79 -15.70
N GLU B 238 -9.95 9.51 -15.86
CA GLU B 238 -9.78 10.41 -17.00
C GLU B 238 -9.79 9.69 -18.35
N ALA B 239 -9.44 8.40 -18.37
CA ALA B 239 -9.41 7.67 -19.64
C ALA B 239 -10.75 7.04 -19.98
N LEU B 240 -11.72 7.12 -19.08
CA LEU B 240 -13.08 6.65 -19.35
C LEU B 240 -13.85 7.70 -20.16
N HIS B 241 -14.72 7.20 -21.04
CA HIS B 241 -15.67 8.07 -21.72
C HIS B 241 -16.55 8.76 -20.67
N ASN B 242 -16.64 10.10 -20.78
CA ASN B 242 -17.34 10.94 -19.81
C ASN B 242 -16.85 10.72 -18.37
N HIS B 243 -15.64 10.17 -18.22
CA HIS B 243 -14.93 10.01 -16.95
C HIS B 243 -15.68 9.13 -15.97
N TYR B 244 -16.61 8.30 -16.44
CA TYR B 244 -17.52 7.60 -15.55
C TYR B 244 -17.99 6.31 -16.21
N THR B 245 -17.94 5.20 -15.46
CA THR B 245 -18.61 3.98 -15.88
C THR B 245 -19.10 3.28 -14.62
N GLN B 246 -20.12 2.43 -14.82
CA GLN B 246 -20.81 1.75 -13.74
C GLN B 246 -21.11 0.32 -14.18
N LYS B 247 -20.74 -0.65 -13.35
CA LYS B 247 -20.98 -2.07 -13.59
C LYS B 247 -21.80 -2.61 -12.42
N SER B 248 -22.85 -3.35 -12.73
CA SER B 248 -23.74 -3.87 -11.71
C SER B 248 -23.42 -5.32 -11.39
N LEU B 249 -24.08 -5.82 -10.36
CA LEU B 249 -23.74 -7.10 -9.75
C LEU B 249 -24.96 -7.55 -8.96
N SER B 250 -25.48 -8.73 -9.27
CA SER B 250 -26.64 -9.27 -8.58
C SER B 250 -26.68 -10.78 -8.80
N LEU B 251 -27.47 -11.45 -7.95
CA LEU B 251 -27.81 -12.86 -8.09
C LEU B 251 -28.96 -13.03 -9.09
C1 NAG C . 28.83 3.48 2.42
C2 NAG C . 27.69 4.37 2.92
C3 NAG C . 26.66 3.54 3.71
C4 NAG C . 26.22 2.33 2.90
C5 NAG C . 27.44 1.54 2.45
C6 NAG C . 27.10 0.35 1.59
C7 NAG C . 28.26 6.72 3.28
C8 NAG C . 28.80 7.74 4.25
N2 NAG C . 28.19 5.47 3.73
O3 NAG C . 25.56 4.38 4.05
O4 NAG C . 25.39 1.48 3.68
O5 NAG C . 28.30 2.39 1.67
O6 NAG C . 26.30 0.73 0.48
O7 NAG C . 27.92 7.04 2.14
C1 NAG C . 24.01 1.88 3.63
C2 NAG C . 23.19 0.61 3.74
C3 NAG C . 21.70 0.94 3.77
C4 NAG C . 21.39 2.00 4.82
C5 NAG C . 22.34 3.19 4.68
C6 NAG C . 22.20 4.20 5.80
C7 NAG C . 23.92 -1.53 2.78
C8 NAG C . 24.18 -2.29 1.51
N2 NAG C . 23.49 -0.28 2.63
O3 NAG C . 20.96 -0.26 4.01
O4 NAG C . 20.08 2.52 4.60
O5 NAG C . 23.71 2.75 4.69
O6 NAG C . 23.05 5.31 5.59
O7 NAG C . 24.11 -2.03 3.89
C1 BMA C . 19.07 1.80 5.32
C2 BMA C . 18.05 2.83 5.83
C3 BMA C . 16.83 2.13 6.48
C4 BMA C . 16.32 0.90 5.67
C5 BMA C . 17.48 0.03 5.13
C6 BMA C . 17.03 -1.02 4.15
O2 BMA C . 17.57 3.63 4.75
O3 BMA C . 15.76 3.03 6.70
O4 BMA C . 15.50 0.08 6.50
O5 BMA C . 18.45 0.87 4.47
O6 BMA C . 18.15 -1.73 3.73
C1 MAN C . 15.48 3.33 8.08
C2 MAN C . 14.10 4.02 8.23
C3 MAN C . 14.13 5.40 7.59
C4 MAN C . 15.31 6.21 8.13
C5 MAN C . 16.63 5.42 7.96
C6 MAN C . 17.82 6.10 8.61
O2 MAN C . 13.83 4.29 9.59
O3 MAN C . 12.91 6.09 7.82
O4 MAN C . 15.40 7.42 7.40
O5 MAN C . 16.51 4.12 8.57
O6 MAN C . 19.00 5.65 7.95
C1 NAG C . 13.34 3.06 10.15
C2 NAG C . 13.75 2.99 11.62
C3 NAG C . 13.23 1.71 12.26
C4 NAG C . 11.72 1.57 12.02
C5 NAG C . 11.37 1.75 10.54
C6 NAG C . 9.89 1.83 10.29
C7 NAG C . 15.85 4.22 12.04
C8 NAG C . 15.01 5.44 12.22
N2 NAG C . 15.20 3.09 11.76
O3 NAG C . 13.49 1.72 13.65
O4 NAG C . 11.28 0.29 12.45
O5 NAG C . 11.92 2.98 10.05
O6 NAG C . 9.53 3.07 9.69
O7 NAG C . 17.08 4.25 12.14
C1 MAN C . 17.71 -2.88 2.97
C2 MAN C . 18.92 -3.80 2.87
C3 MAN C . 20.01 -3.18 2.01
C4 MAN C . 19.44 -2.76 0.60
C5 MAN C . 18.20 -1.84 0.81
C6 MAN C . 17.47 -1.52 -0.49
O2 MAN C . 18.61 -4.97 2.18
O3 MAN C . 21.08 -4.10 1.87
O4 MAN C . 20.43 -2.11 -0.19
O5 MAN C . 17.24 -2.50 1.68
O6 MAN C . 16.40 -0.60 -0.17
C1 NAG C . 18.09 -5.91 3.12
C2 NAG C . 17.13 -6.80 2.35
C3 NAG C . 16.55 -7.89 3.26
C4 NAG C . 17.68 -8.64 3.95
C5 NAG C . 18.62 -7.67 4.66
C6 NAG C . 19.82 -8.33 5.29
C7 NAG C . 16.06 -5.63 0.45
C8 NAG C . 17.22 -6.10 -0.38
N2 NAG C . 16.06 -6.00 1.74
O3 NAG C . 15.77 -8.80 2.50
O4 NAG C . 17.15 -9.59 4.89
O5 NAG C . 19.12 -6.70 3.71
O6 NAG C . 20.67 -8.92 4.31
O7 NAG C . 15.16 -4.96 -0.02
C1 FUC C . 26.56 0.09 -0.78
C2 FUC C . 25.57 0.33 -1.92
C3 FUC C . 25.51 1.81 -2.27
C4 FUC C . 26.92 2.35 -2.54
C5 FUC C . 27.86 1.98 -1.39
C6 FUC C . 29.30 2.38 -1.69
O2 FUC C . 24.27 -0.17 -1.55
O3 FUC C . 24.65 2.03 -3.41
O4 FUC C . 27.45 1.86 -3.77
O5 FUC C . 27.85 0.57 -1.14
C1 NAG D . 3.81 22.29 14.15
C2 NAG D . 4.94 21.47 13.54
C3 NAG D . 4.71 21.30 12.04
C4 NAG D . 3.33 20.73 11.78
C5 NAG D . 2.26 21.55 12.48
C6 NAG D . 0.89 20.93 12.37
C7 NAG D . 7.17 21.58 14.60
C8 NAG D . 6.83 20.26 15.24
N2 NAG D . 6.23 22.10 13.80
O3 NAG D . 5.71 20.44 11.51
O4 NAG D . 3.01 20.74 10.40
O5 NAG D . 2.56 21.64 13.89
O6 NAG D . 0.94 19.57 12.78
O7 NAG D . 8.24 22.13 14.79
C1 NAG D . 3.33 19.51 9.77
C2 NAG D . 2.35 19.22 8.63
C3 NAG D . 2.77 17.96 7.87
C4 NAG D . 4.23 18.06 7.42
C5 NAG D . 5.13 18.43 8.61
C6 NAG D . 6.55 18.72 8.20
C7 NAG D . 0.03 19.98 8.89
C8 NAG D . -1.30 19.69 9.53
N2 NAG D . 1.00 19.09 9.14
O3 NAG D . 1.90 17.76 6.76
O4 NAG D . 4.67 16.79 6.93
O5 NAG D . 4.65 19.61 9.25
O6 NAG D . 7.36 18.93 9.35
O7 NAG D . 0.22 20.97 8.19
C1 BMA D . 4.41 16.61 5.52
C2 BMA D . 5.60 15.84 4.92
C3 BMA D . 5.32 15.47 3.42
C4 BMA D . 3.91 14.90 3.22
C5 BMA D . 2.83 15.77 3.94
C6 BMA D . 1.40 15.20 3.89
O2 BMA D . 5.81 14.62 5.62
O3 BMA D . 6.27 14.55 2.93
O4 BMA D . 3.65 14.81 1.82
O5 BMA D . 3.19 15.90 5.31
O6 BMA D . 0.57 16.05 4.70
C1 MAN D . -0.82 15.69 4.50
C2 MAN D . -1.76 16.86 4.94
C3 MAN D . -1.68 17.07 6.44
C4 MAN D . -2.00 15.75 7.16
C5 MAN D . -1.12 14.60 6.66
C6 MAN D . -1.60 13.26 7.21
O2 MAN D . -3.12 16.51 4.74
O3 MAN D . -2.62 18.05 6.87
O4 MAN D . -1.79 15.91 8.56
O5 MAN D . -1.15 14.52 5.21
O6 MAN D . -0.54 12.33 7.08
C1 NAG D . -3.61 16.97 3.47
C2 NAG D . -4.74 16.02 3.02
C3 NAG D . -5.38 16.52 1.73
C4 NAG D . -5.82 17.98 1.88
C5 NAG D . -4.62 18.82 2.29
C6 NAG D . -4.96 20.28 2.51
C7 NAG D . -4.38 13.70 3.79
C8 NAG D . -5.10 14.10 5.04
N2 NAG D . -4.24 14.67 2.86
O3 NAG D . -6.51 15.72 1.41
O4 NAG D . -6.37 18.46 0.65
O5 NAG D . -4.11 18.32 3.55
O6 NAG D . -6.32 20.46 2.88
O7 NAG D . -3.95 12.57 3.61
C1 MAN D . 7.08 14.91 1.80
C2 MAN D . 7.65 13.55 1.31
C3 MAN D . 8.61 12.98 2.35
C4 MAN D . 9.66 14.03 2.73
C5 MAN D . 8.94 15.26 3.30
C6 MAN D . 9.90 16.38 3.75
O2 MAN D . 8.40 13.70 0.11
O3 MAN D . 9.25 11.80 1.87
O4 MAN D . 10.53 13.50 3.72
O5 MAN D . 8.08 15.80 2.25
O6 MAN D . 9.37 16.96 4.95
C1 FUC D . -0.40 19.34 13.30
C2 FUC D . -0.49 17.85 13.57
C3 FUC D . 0.68 17.47 14.48
C4 FUC D . 0.57 18.27 15.78
C5 FUC D . 0.48 19.78 15.49
C6 FUC D . 0.22 20.64 16.72
O2 FUC D . -0.48 17.12 12.35
O3 FUC D . 0.69 16.07 14.74
O4 FUC D . -0.60 17.81 16.47
O5 FUC D . -0.54 20.05 14.53
K K E . -13.88 20.41 -3.34
CL CL F . -21.21 15.35 -12.62
#